data_8ZRR
#
_entry.id   8ZRR
#
loop_
_entity.id
_entity.type
_entity.pdbx_description
1 polymer 'Heacy chain of D4 Fab'
2 polymer 'Light chain of D4 Fab'
3 polymer 'Capsid protein'
#
loop_
_entity_poly.entity_id
_entity_poly.type
_entity_poly.pdbx_seq_one_letter_code
_entity_poly.pdbx_strand_id
1 'polypeptide(L)'
;QVQLVESGGGVVQPGRSLRLSCAASGFNFNKFGMHWVRQVPGKGLEWLTYIWYDGSNADYVDSVKGRFTISRDNSINTLY
LQMNSLRADDTAVYFCARGFYDSSSLESWGQGALVIVSSAS
;
h
2 'polypeptide(L)'
;DIVMTQSPLSLAVTPGEPASISCRSSQTLLHNNGYNYFSWYLQKPGQAPQLLIYLGSNRAPGVSDRFSGSGSGTSFTLEI
SRVEAEDVGVYYCMQGRHTPWTFGQGTKVEIKRT
;
l
3 'polypeptide(L)'
;MDIDPYKEFGASVELLSFLPSDFFPSIRDLLDTASALYREALESPEHCSPHHTALRQAILCWGELMNLATWVGSNLEDPA
SRELVVSYVNVNMGLKIRQLLWFHISCLTFGRETVLEYLVSFGVWIRTPPAYRPPNAPILST
;
A,B
#
# COMPACT_ATOMS: atom_id res chain seq x y z
N GLN A 1 -25.51 -1.62 1.67
CA GLN A 1 -25.51 -2.74 0.75
C GLN A 1 -25.90 -2.29 -0.66
N VAL A 2 -25.11 -2.74 -1.64
CA VAL A 2 -25.37 -2.38 -3.01
C VAL A 2 -26.28 -3.39 -3.68
N GLN A 3 -27.16 -2.91 -4.54
CA GLN A 3 -28.09 -3.77 -5.25
C GLN A 3 -27.85 -3.64 -6.75
N LEU A 4 -27.68 -4.78 -7.43
CA LEU A 4 -27.42 -4.83 -8.85
C LEU A 4 -28.53 -5.63 -9.52
N VAL A 5 -29.03 -5.13 -10.65
CA VAL A 5 -30.10 -5.77 -11.39
C VAL A 5 -29.66 -5.92 -12.84
N GLU A 6 -29.80 -7.12 -13.37
CA GLU A 6 -29.46 -7.40 -14.76
C GLU A 6 -30.70 -7.31 -15.64
N SER A 7 -30.48 -7.36 -16.95
CA SER A 7 -31.58 -7.34 -17.90
C SER A 7 -31.07 -7.84 -19.25
N GLY A 8 -32.01 -8.05 -20.16
CA GLY A 8 -31.68 -8.49 -21.51
C GLY A 8 -31.66 -9.99 -21.71
N GLY A 9 -31.83 -10.78 -20.66
CA GLY A 9 -31.82 -12.21 -20.80
C GLY A 9 -33.05 -12.74 -21.51
N GLY A 10 -32.92 -13.94 -22.06
CA GLY A 10 -34.02 -14.57 -22.75
C GLY A 10 -33.51 -15.56 -23.77
N VAL A 11 -34.44 -16.02 -24.60
CA VAL A 11 -34.16 -16.99 -25.65
C VAL A 11 -33.66 -16.25 -26.88
N VAL A 12 -32.69 -16.84 -27.56
CA VAL A 12 -32.13 -16.29 -28.79
C VAL A 12 -32.06 -17.41 -29.83
N GLN A 13 -32.38 -17.07 -31.07
CA GLN A 13 -32.29 -18.05 -32.14
C GLN A 13 -30.84 -18.43 -32.40
N PRO A 14 -30.58 -19.66 -32.83
CA PRO A 14 -29.21 -20.09 -33.07
C PRO A 14 -28.55 -19.28 -34.19
N GLY A 15 -27.24 -19.14 -34.09
CA GLY A 15 -26.44 -18.49 -35.11
C GLY A 15 -26.34 -16.99 -34.99
N ARG A 16 -27.17 -16.36 -34.18
CA ARG A 16 -27.15 -14.92 -34.03
C ARG A 16 -26.21 -14.52 -32.90
N SER A 17 -26.30 -13.27 -32.47
CA SER A 17 -25.51 -12.77 -31.34
C SER A 17 -26.40 -11.92 -30.45
N LEU A 18 -26.11 -11.95 -29.14
CA LEU A 18 -26.94 -11.28 -28.16
C LEU A 18 -26.05 -10.52 -27.18
N ARG A 19 -26.62 -9.49 -26.56
CA ARG A 19 -25.92 -8.65 -25.60
C ARG A 19 -26.74 -8.57 -24.32
N LEU A 20 -26.06 -8.73 -23.17
CA LEU A 20 -26.71 -8.77 -21.87
C LEU A 20 -26.45 -7.48 -21.10
N SER A 21 -27.42 -7.12 -20.24
CA SER A 21 -27.39 -5.86 -19.52
C SER A 21 -27.21 -6.12 -18.03
N CYS A 22 -26.24 -5.43 -17.43
CA CYS A 22 -25.93 -5.55 -16.01
C CYS A 22 -25.55 -4.18 -15.47
N ALA A 23 -26.50 -3.53 -14.79
CA ALA A 23 -26.28 -2.20 -14.24
C ALA A 23 -26.14 -2.26 -12.73
N ALA A 24 -25.37 -1.31 -12.19
CA ALA A 24 -25.08 -1.27 -10.76
C ALA A 24 -25.23 0.16 -10.24
N SER A 25 -25.45 0.26 -8.92
CA SER A 25 -25.63 1.56 -8.29
C SER A 25 -25.31 1.43 -6.80
N GLY A 26 -25.09 2.57 -6.17
CA GLY A 26 -24.81 2.62 -4.75
C GLY A 26 -23.36 2.50 -4.35
N PHE A 27 -22.42 2.60 -5.15
CA PHE A 27 -21.02 2.57 -4.77
C PHE A 27 -20.22 3.17 -5.92
N ASN A 28 -18.99 3.38 -5.79
CA ASN A 28 -18.11 4.06 -6.73
C ASN A 28 -17.67 3.07 -7.80
N PHE A 29 -18.32 3.12 -8.96
CA PHE A 29 -17.97 2.21 -10.05
C PHE A 29 -16.55 2.46 -10.55
N ASN A 30 -16.12 3.71 -10.56
CA ASN A 30 -14.79 4.04 -11.07
C ASN A 30 -13.66 3.53 -10.19
N LYS A 31 -13.96 3.08 -8.97
CA LYS A 31 -12.92 2.70 -8.02
C LYS A 31 -12.82 1.19 -7.80
N PHE A 32 -13.60 0.40 -8.54
CA PHE A 32 -13.60 -1.04 -8.36
C PHE A 32 -13.72 -1.79 -9.67
N GLY A 33 -13.35 -3.07 -9.66
CA GLY A 33 -13.38 -3.88 -10.89
C GLY A 33 -14.66 -4.69 -11.01
N MET A 34 -14.85 -5.37 -12.14
CA MET A 34 -16.08 -6.18 -12.34
C MET A 34 -15.70 -7.55 -12.92
N HIS A 35 -16.53 -8.56 -12.71
CA HIS A 35 -16.22 -9.91 -13.16
C HIS A 35 -17.49 -10.57 -13.67
N TRP A 36 -17.31 -11.60 -14.51
CA TRP A 36 -18.41 -12.34 -15.11
C TRP A 36 -18.32 -13.81 -14.70
N VAL A 37 -19.44 -14.37 -14.25
CA VAL A 37 -19.51 -15.74 -13.77
C VAL A 37 -20.62 -16.46 -14.52
N ARG A 38 -20.37 -17.73 -14.87
CA ARG A 38 -21.26 -18.55 -15.69
C ARG A 38 -21.54 -19.88 -15.01
N GLN A 39 -22.76 -20.40 -15.22
CA GLN A 39 -23.16 -21.69 -14.66
C GLN A 39 -24.12 -22.40 -15.62
N VAL A 40 -23.60 -23.32 -16.41
CA VAL A 40 -24.45 -24.29 -17.09
C VAL A 40 -24.96 -25.31 -16.07
N PRO A 41 -26.19 -25.79 -16.19
CA PRO A 41 -26.68 -26.79 -15.23
C PRO A 41 -25.83 -28.05 -15.26
N GLY A 42 -25.64 -28.64 -14.09
CA GLY A 42 -24.90 -29.88 -13.95
C GLY A 42 -23.46 -29.73 -13.50
N LYS A 43 -22.92 -28.51 -13.62
CA LYS A 43 -21.56 -28.26 -13.19
C LYS A 43 -21.53 -27.10 -12.20
N GLY A 44 -20.34 -26.64 -11.86
CA GLY A 44 -20.19 -25.56 -10.92
C GLY A 44 -19.83 -24.24 -11.60
N LEU A 45 -19.38 -23.30 -10.79
CA LEU A 45 -19.03 -21.97 -11.28
C LEU A 45 -17.80 -22.03 -12.19
N GLU A 46 -17.73 -21.09 -13.12
CA GLU A 46 -16.57 -20.96 -14.00
C GLU A 46 -16.30 -19.50 -14.29
N TRP A 47 -15.04 -19.10 -14.14
CA TRP A 47 -14.61 -17.74 -14.42
C TRP A 47 -14.45 -17.53 -15.91
N LEU A 48 -14.84 -16.35 -16.39
CA LEU A 48 -14.79 -16.05 -17.81
C LEU A 48 -13.83 -14.92 -18.13
N THR A 49 -14.01 -13.74 -17.54
CA THR A 49 -13.19 -12.58 -17.90
C THR A 49 -13.40 -11.51 -16.83
N TYR A 50 -12.59 -10.46 -16.92
CA TYR A 50 -12.72 -9.31 -16.01
C TYR A 50 -12.09 -8.09 -16.65
N ILE A 51 -12.45 -6.92 -16.13
CA ILE A 51 -11.96 -5.65 -16.63
C ILE A 51 -11.57 -4.76 -15.46
N TRP A 52 -10.53 -3.96 -15.69
CA TRP A 52 -10.02 -3.07 -14.61
C TRP A 52 -10.78 -1.74 -14.69
N TYR A 53 -10.61 -0.87 -13.71
CA TYR A 53 -11.37 0.36 -13.66
C TYR A 53 -11.15 1.22 -14.90
N ASP A 54 -9.90 1.37 -15.33
CA ASP A 54 -9.60 2.16 -16.51
C ASP A 54 -10.17 1.52 -17.76
N GLY A 55 -10.10 0.20 -17.85
CA GLY A 55 -10.58 -0.52 -19.01
C GLY A 55 -9.52 -0.77 -20.06
N SER A 56 -8.33 -0.21 -19.89
CA SER A 56 -7.27 -0.40 -20.87
C SER A 56 -6.89 -1.88 -20.98
N ASN A 57 -6.80 -2.56 -19.85
CA ASN A 57 -6.44 -3.97 -19.84
C ASN A 57 -7.67 -4.86 -19.70
N ALA A 58 -7.54 -6.08 -20.17
CA ALA A 58 -8.57 -7.10 -20.05
C ALA A 58 -7.92 -8.46 -20.20
N ASP A 59 -8.64 -9.50 -19.77
CA ASP A 59 -8.16 -10.86 -19.86
C ASP A 59 -9.30 -11.76 -20.28
N TYR A 60 -8.95 -12.94 -20.80
CA TYR A 60 -9.96 -13.88 -21.25
C TYR A 60 -9.48 -15.31 -21.01
N VAL A 61 -10.44 -16.22 -20.88
CA VAL A 61 -10.13 -17.64 -20.75
C VAL A 61 -10.11 -18.28 -22.14
N ASP A 62 -9.43 -19.44 -22.23
CA ASP A 62 -9.21 -20.06 -23.53
C ASP A 62 -10.49 -20.55 -24.17
N SER A 63 -11.52 -20.86 -23.37
CA SER A 63 -12.76 -21.40 -23.92
C SER A 63 -13.45 -20.41 -24.85
N VAL A 64 -13.48 -19.13 -24.46
CA VAL A 64 -14.14 -18.09 -25.23
C VAL A 64 -13.17 -17.02 -25.72
N LYS A 65 -11.88 -17.32 -25.70
CA LYS A 65 -10.87 -16.33 -26.07
C LYS A 65 -11.06 -15.86 -27.50
N GLY A 66 -11.08 -14.55 -27.69
CA GLY A 66 -11.18 -13.96 -29.00
C GLY A 66 -12.58 -13.87 -29.56
N ARG A 67 -13.59 -14.37 -28.84
CA ARG A 67 -14.96 -14.31 -29.32
C ARG A 67 -15.90 -13.51 -28.43
N PHE A 68 -15.51 -13.23 -27.19
CA PHE A 68 -16.27 -12.39 -26.30
C PHE A 68 -15.49 -11.11 -25.99
N THR A 69 -16.21 -10.02 -25.73
CA THR A 69 -15.58 -8.77 -25.36
C THR A 69 -16.42 -8.09 -24.30
N ILE A 70 -15.75 -7.31 -23.45
CA ILE A 70 -16.37 -6.63 -22.33
C ILE A 70 -15.95 -5.17 -22.34
N SER A 71 -16.88 -4.27 -22.02
CA SER A 71 -16.58 -2.85 -21.98
C SER A 71 -17.51 -2.18 -20.98
N ARG A 72 -17.09 -1.00 -20.51
CA ARG A 72 -17.82 -0.25 -19.51
C ARG A 72 -17.94 1.20 -19.94
N ASP A 73 -19.05 1.84 -19.55
CA ASP A 73 -19.31 3.24 -19.82
C ASP A 73 -19.45 3.96 -18.49
N ASN A 74 -18.37 4.59 -18.04
CA ASN A 74 -18.36 5.20 -16.70
C ASN A 74 -19.33 6.36 -16.59
N SER A 75 -19.83 6.88 -17.71
CA SER A 75 -20.79 7.98 -17.65
C SER A 75 -22.08 7.55 -16.98
N ILE A 76 -22.55 6.34 -17.25
CA ILE A 76 -23.80 5.84 -16.71
C ILE A 76 -23.61 4.71 -15.72
N ASN A 77 -22.38 4.26 -15.50
CA ASN A 77 -22.06 3.20 -14.54
C ASN A 77 -22.83 1.91 -14.87
N THR A 78 -22.59 1.40 -16.08
CA THR A 78 -23.25 0.20 -16.57
C THR A 78 -22.23 -0.73 -17.19
N LEU A 79 -22.37 -2.03 -16.91
CA LEU A 79 -21.51 -3.05 -17.47
C LEU A 79 -22.07 -3.55 -18.80
N TYR A 80 -21.19 -4.13 -19.62
CA TYR A 80 -21.58 -4.66 -20.92
C TYR A 80 -20.76 -5.90 -21.26
N LEU A 81 -21.44 -6.94 -21.72
CA LEU A 81 -20.80 -8.17 -22.18
C LEU A 81 -21.40 -8.54 -23.52
N GLN A 82 -20.57 -8.60 -24.56
CA GLN A 82 -21.03 -8.87 -25.91
C GLN A 82 -20.72 -10.32 -26.28
N MET A 83 -21.72 -11.00 -26.82
CA MET A 83 -21.62 -12.41 -27.20
C MET A 83 -21.73 -12.55 -28.70
N ASN A 84 -20.76 -13.22 -29.32
CA ASN A 84 -20.80 -13.55 -30.73
C ASN A 84 -20.37 -15.00 -30.92
N SER A 85 -20.82 -15.61 -32.01
CA SER A 85 -20.52 -17.00 -32.35
C SER A 85 -20.94 -17.93 -31.21
N LEU A 86 -22.22 -17.81 -30.83
CA LEU A 86 -22.77 -18.64 -29.76
C LEU A 86 -22.90 -20.08 -30.20
N ARG A 87 -22.69 -20.99 -29.26
CA ARG A 87 -22.75 -22.42 -29.51
C ARG A 87 -23.74 -23.06 -28.53
N ALA A 88 -24.01 -24.35 -28.75
CA ALA A 88 -24.92 -25.08 -27.87
C ALA A 88 -24.32 -25.27 -26.48
N ASP A 89 -22.99 -25.20 -26.36
CA ASP A 89 -22.35 -25.34 -25.06
C ASP A 89 -22.38 -24.06 -24.24
N ASP A 90 -22.91 -22.97 -24.80
CA ASP A 90 -22.94 -21.69 -24.12
C ASP A 90 -24.26 -21.43 -23.41
N THR A 91 -25.19 -22.38 -23.40
CA THR A 91 -26.48 -22.18 -22.76
C THR A 91 -26.32 -22.19 -21.26
N ALA A 92 -26.38 -21.02 -20.63
CA ALA A 92 -26.16 -20.94 -19.19
C ALA A 92 -26.73 -19.64 -18.65
N VAL A 93 -26.82 -19.57 -17.33
CA VAL A 93 -27.22 -18.37 -16.61
C VAL A 93 -25.98 -17.57 -16.24
N TYR A 94 -26.02 -16.27 -16.48
CA TYR A 94 -24.84 -15.41 -16.36
C TYR A 94 -24.97 -14.48 -15.17
N PHE A 95 -23.90 -14.33 -14.41
CA PHE A 95 -23.86 -13.48 -13.23
C PHE A 95 -22.69 -12.51 -13.33
N CYS A 96 -22.95 -11.25 -12.93
CA CYS A 96 -21.93 -10.23 -12.82
C CYS A 96 -21.77 -9.83 -11.36
N ALA A 97 -20.53 -9.77 -10.89
CA ALA A 97 -20.23 -9.55 -9.48
C ALA A 97 -19.13 -8.51 -9.34
N ARG A 98 -18.80 -8.20 -8.09
CA ARG A 98 -17.76 -7.23 -7.77
C ARG A 98 -16.93 -7.74 -6.60
N GLY A 99 -15.62 -7.59 -6.70
CA GLY A 99 -14.72 -7.99 -5.63
C GLY A 99 -13.87 -6.84 -5.12
N PHE A 100 -13.85 -6.74 -3.79
CA PHE A 100 -13.13 -5.65 -3.10
C PHE A 100 -12.35 -6.13 -1.88
N TYR A 101 -12.23 -7.43 -1.63
CA TYR A 101 -11.36 -7.79 -0.47
C TYR A 101 -9.95 -7.84 -1.01
N ASP A 102 -9.38 -6.66 -1.15
CA ASP A 102 -8.02 -6.58 -1.72
C ASP A 102 -7.95 -7.27 -3.08
N SER A 103 -8.94 -7.05 -3.94
CA SER A 103 -8.80 -7.58 -5.32
C SER A 103 -8.58 -9.08 -5.37
N SER A 104 -9.31 -9.82 -4.56
CA SER A 104 -9.16 -11.28 -4.73
C SER A 104 -10.49 -11.98 -4.94
N SER A 105 -11.39 -11.94 -3.96
CA SER A 105 -12.59 -12.75 -4.11
C SER A 105 -13.80 -11.84 -4.24
N LEU A 106 -14.77 -12.27 -5.05
CA LEU A 106 -15.96 -11.48 -5.30
C LEU A 106 -16.77 -11.33 -4.01
N GLU A 107 -17.38 -10.17 -3.84
CA GLU A 107 -18.09 -9.84 -2.61
C GLU A 107 -19.59 -9.80 -2.77
N SER A 108 -20.10 -8.98 -3.67
CA SER A 108 -21.53 -8.87 -3.92
C SER A 108 -21.86 -9.47 -5.27
N TRP A 109 -22.83 -10.37 -5.28
CA TRP A 109 -23.20 -11.04 -6.52
C TRP A 109 -24.60 -10.68 -6.97
N GLY A 110 -24.76 -10.37 -8.25
CA GLY A 110 -26.04 -10.00 -8.78
C GLY A 110 -26.97 -11.20 -8.86
N GLN A 111 -28.23 -10.92 -9.18
CA GLN A 111 -29.23 -11.97 -9.25
C GLN A 111 -29.02 -12.91 -10.43
N GLY A 112 -28.40 -12.44 -11.50
CA GLY A 112 -28.12 -13.28 -12.65
C GLY A 112 -29.29 -13.36 -13.60
N ALA A 113 -28.99 -13.83 -14.82
CA ALA A 113 -30.00 -14.02 -15.86
C ALA A 113 -29.60 -15.21 -16.73
N LEU A 114 -30.61 -15.96 -17.16
CA LEU A 114 -30.36 -17.14 -17.95
C LEU A 114 -30.46 -16.88 -19.44
N VAL A 115 -29.58 -17.50 -20.19
CA VAL A 115 -29.57 -17.39 -21.64
C VAL A 115 -29.77 -18.78 -22.24
N ILE A 116 -30.73 -18.91 -23.14
CA ILE A 116 -31.11 -20.19 -23.73
C ILE A 116 -31.08 -20.06 -25.25
N VAL A 117 -30.49 -21.04 -25.92
CA VAL A 117 -30.47 -21.11 -27.39
C VAL A 117 -31.09 -22.43 -27.82
N SER A 118 -31.97 -22.36 -28.83
CA SER A 118 -32.66 -23.51 -29.39
C SER A 118 -33.49 -23.03 -30.58
N SER A 119 -33.95 -23.98 -31.39
CA SER A 119 -34.71 -23.67 -32.59
C SER A 119 -36.22 -23.70 -32.37
N ALA A 120 -36.71 -24.51 -31.44
CA ALA A 120 -38.14 -24.60 -31.19
C ALA A 120 -38.63 -23.39 -30.41
N SER A 121 -39.92 -23.10 -30.55
CA SER A 121 -40.54 -21.99 -29.80
C SER A 121 -41.96 -22.34 -29.41
N ASP B 1 -4.69 -22.21 -16.05
CA ASP B 1 -3.35 -22.76 -15.86
C ASP B 1 -3.26 -23.58 -14.59
N ILE B 2 -3.85 -23.08 -13.52
CA ILE B 2 -3.80 -23.75 -12.24
C ILE B 2 -4.82 -24.87 -12.20
N VAL B 3 -4.41 -26.04 -11.73
CA VAL B 3 -5.29 -27.18 -11.54
C VAL B 3 -5.84 -27.12 -10.12
N MET B 4 -7.16 -27.09 -10.00
CA MET B 4 -7.79 -27.03 -8.70
C MET B 4 -8.21 -28.42 -8.28
N THR B 5 -8.42 -28.62 -6.98
CA THR B 5 -8.79 -29.94 -6.48
C THR B 5 -9.57 -29.80 -5.19
N GLN B 6 -10.57 -30.65 -5.00
CA GLN B 6 -11.37 -30.70 -3.78
C GLN B 6 -11.59 -32.14 -3.36
N SER B 7 -11.82 -32.33 -2.06
CA SER B 7 -12.09 -33.64 -1.48
C SER B 7 -12.58 -33.50 -0.04
N PRO B 8 -13.51 -34.33 0.41
CA PRO B 8 -14.23 -35.38 -0.33
C PRO B 8 -15.36 -34.81 -1.16
N LEU B 9 -15.82 -35.54 -2.17
CA LEU B 9 -16.87 -35.02 -3.05
C LEU B 9 -18.18 -34.85 -2.29
N SER B 10 -18.51 -35.78 -1.40
CA SER B 10 -19.74 -35.71 -0.62
C SER B 10 -19.43 -35.98 0.84
N LEU B 11 -20.25 -35.40 1.72
CA LEU B 11 -20.11 -35.62 3.15
C LEU B 11 -21.46 -35.33 3.81
N ALA B 12 -22.12 -36.37 4.30
CA ALA B 12 -23.37 -36.24 5.01
C ALA B 12 -23.10 -36.16 6.50
N VAL B 13 -23.67 -35.16 7.15
CA VAL B 13 -23.35 -34.85 8.55
C VAL B 13 -24.62 -34.96 9.38
N THR B 14 -24.55 -35.73 10.45
CA THR B 14 -25.57 -35.67 11.49
C THR B 14 -25.47 -34.32 12.18
N PRO B 15 -26.54 -33.52 12.23
CA PRO B 15 -26.38 -32.13 12.64
C PRO B 15 -26.23 -31.92 14.14
N GLY B 16 -25.21 -31.12 14.48
CA GLY B 16 -24.76 -30.98 15.84
C GLY B 16 -23.36 -31.52 16.07
N GLU B 17 -22.73 -32.16 15.04
CA GLU B 17 -21.40 -32.72 15.03
C GLU B 17 -20.47 -31.92 14.13
N PRO B 18 -19.18 -31.88 14.43
CA PRO B 18 -18.25 -31.13 13.57
C PRO B 18 -17.90 -31.90 12.30
N ALA B 19 -17.40 -31.16 11.31
CA ALA B 19 -17.00 -31.75 10.04
C ALA B 19 -15.94 -30.87 9.40
N SER B 20 -15.14 -31.48 8.52
CA SER B 20 -14.04 -30.77 7.86
C SER B 20 -14.00 -31.15 6.39
N ILE B 21 -13.73 -30.17 5.53
CA ILE B 21 -13.59 -30.37 4.10
C ILE B 21 -12.26 -29.76 3.66
N SER B 22 -11.60 -30.43 2.71
CA SER B 22 -10.25 -30.04 2.31
C SER B 22 -10.21 -29.67 0.82
N CYS B 23 -9.57 -28.55 0.53
CA CYS B 23 -9.36 -28.09 -0.84
C CYS B 23 -7.87 -27.87 -1.06
N ARG B 24 -7.35 -28.39 -2.16
CA ARG B 24 -5.93 -28.35 -2.45
C ARG B 24 -5.65 -27.68 -3.78
N SER B 25 -4.53 -26.97 -3.84
CA SER B 25 -4.12 -26.23 -5.03
C SER B 25 -2.69 -26.62 -5.40
N SER B 26 -2.39 -26.55 -6.69
CA SER B 26 -1.09 -27.02 -7.17
C SER B 26 0.03 -26.06 -6.78
N GLN B 27 -0.10 -24.79 -7.13
CA GLN B 27 0.97 -23.82 -6.96
C GLN B 27 0.79 -23.03 -5.68
N THR B 28 1.90 -22.62 -5.09
CA THR B 28 1.87 -21.94 -3.81
C THR B 28 1.15 -20.60 -3.92
N LEU B 29 0.46 -20.22 -2.86
CA LEU B 29 -0.30 -18.99 -2.83
C LEU B 29 0.28 -17.94 -1.89
N LEU B 30 1.48 -18.17 -1.34
CA LEU B 30 2.11 -17.22 -0.45
C LEU B 30 2.76 -16.12 -1.28
N HIS B 31 2.12 -14.95 -1.35
CA HIS B 31 2.71 -13.79 -1.98
C HIS B 31 3.74 -13.13 -1.07
N ASN B 32 4.37 -12.06 -1.56
CA ASN B 32 5.45 -11.40 -0.78
C ASN B 32 4.87 -10.49 0.30
N ASN B 33 3.54 -10.50 0.47
CA ASN B 33 2.88 -9.63 1.48
C ASN B 33 2.55 -10.49 2.71
N GLY B 34 2.97 -11.76 2.70
CA GLY B 34 2.62 -12.66 3.78
C GLY B 34 1.19 -13.13 3.78
N TYR B 35 0.49 -12.90 2.68
CA TYR B 35 -0.91 -13.28 2.58
C TYR B 35 -1.08 -14.41 1.58
N ASN B 36 -2.22 -15.10 1.67
CA ASN B 36 -2.50 -16.19 0.75
C ASN B 36 -3.85 -15.89 0.13
N TYR B 37 -3.98 -15.96 -1.14
CA TYR B 37 -5.16 -15.64 -1.92
C TYR B 37 -5.96 -16.93 -2.13
N PHE B 38 -6.91 -17.18 -1.25
CA PHE B 38 -7.75 -18.37 -1.32
C PHE B 38 -9.13 -17.98 -0.77
N SER B 39 -10.17 -18.67 -1.26
CA SER B 39 -11.54 -18.28 -0.99
C SER B 39 -12.38 -19.46 -0.56
N TRP B 40 -13.50 -19.11 0.12
CA TRP B 40 -14.48 -20.09 0.54
C TRP B 40 -15.84 -19.48 0.18
N TYR B 41 -16.63 -20.16 -0.63
CA TYR B 41 -17.92 -19.67 -1.12
C TYR B 41 -19.03 -20.63 -0.71
N LEU B 42 -20.24 -20.10 -0.58
CA LEU B 42 -21.42 -20.89 -0.25
C LEU B 42 -22.50 -20.62 -1.29
N GLN B 43 -23.11 -21.69 -1.80
CA GLN B 43 -24.10 -21.59 -2.87
C GLN B 43 -25.33 -22.39 -2.50
N LYS B 44 -26.50 -21.78 -2.68
CA LYS B 44 -27.80 -22.33 -2.33
C LYS B 44 -28.67 -22.48 -3.57
N PRO B 45 -29.43 -23.57 -3.68
CA PRO B 45 -30.33 -23.73 -4.83
C PRO B 45 -31.28 -22.55 -4.96
N GLY B 46 -31.36 -22.02 -6.18
CA GLY B 46 -32.23 -20.88 -6.45
C GLY B 46 -31.78 -19.57 -5.87
N GLN B 47 -30.51 -19.45 -5.47
CA GLN B 47 -30.01 -18.25 -4.84
C GLN B 47 -28.62 -17.94 -5.35
N ALA B 48 -28.18 -16.70 -5.12
CA ALA B 48 -26.85 -16.30 -5.52
C ALA B 48 -25.82 -16.77 -4.50
N PRO B 49 -24.58 -16.97 -4.92
CA PRO B 49 -23.54 -17.41 -3.99
C PRO B 49 -23.24 -16.40 -2.90
N GLN B 50 -22.78 -16.91 -1.76
CA GLN B 50 -22.46 -16.10 -0.59
C GLN B 50 -21.07 -16.44 -0.08
N LEU B 51 -20.44 -15.47 0.57
CA LEU B 51 -19.05 -15.60 1.00
C LEU B 51 -18.95 -16.32 2.34
N LEU B 52 -17.90 -17.12 2.49
CA LEU B 52 -17.67 -17.84 3.74
C LEU B 52 -16.42 -17.38 4.46
N ILE B 53 -15.26 -17.50 3.81
CA ILE B 53 -14.00 -17.04 4.40
C ILE B 53 -13.24 -16.21 3.39
N TYR B 54 -12.64 -15.12 3.85
CA TYR B 54 -11.90 -14.25 2.94
C TYR B 54 -10.43 -14.13 3.29
N LEU B 55 -9.58 -14.00 2.26
CA LEU B 55 -8.14 -13.84 2.50
C LEU B 55 -7.52 -15.06 3.16
N GLY B 56 -8.12 -16.22 2.99
CA GLY B 56 -7.57 -17.45 3.55
C GLY B 56 -8.01 -17.77 4.96
N SER B 57 -7.91 -16.82 5.89
CA SER B 57 -8.16 -17.09 7.28
C SER B 57 -8.95 -16.01 8.00
N ASN B 58 -9.63 -15.12 7.28
CA ASN B 58 -10.43 -14.07 7.88
C ASN B 58 -11.89 -14.26 7.51
N ARG B 59 -12.77 -14.19 8.50
CA ARG B 59 -14.19 -14.40 8.26
C ARG B 59 -14.82 -13.21 7.54
N ALA B 60 -15.68 -13.50 6.57
CA ALA B 60 -16.37 -12.44 5.85
C ALA B 60 -17.37 -11.74 6.77
N PRO B 61 -17.64 -10.46 6.55
CA PRO B 61 -18.56 -9.73 7.43
C PRO B 61 -19.94 -10.36 7.46
N GLY B 62 -20.51 -10.42 8.66
CA GLY B 62 -21.85 -10.93 8.84
C GLY B 62 -21.98 -12.44 8.91
N VAL B 63 -20.91 -13.17 8.61
CA VAL B 63 -20.95 -14.62 8.63
C VAL B 63 -20.89 -15.09 10.09
N SER B 64 -21.71 -16.09 10.42
CA SER B 64 -21.74 -16.62 11.77
C SER B 64 -20.42 -17.29 12.12
N ASP B 65 -20.13 -17.33 13.42
CA ASP B 65 -18.89 -17.93 13.90
C ASP B 65 -18.86 -19.44 13.77
N ARG B 66 -20.00 -20.07 13.42
CA ARG B 66 -20.06 -21.52 13.37
C ARG B 66 -19.10 -22.10 12.33
N PHE B 67 -18.66 -21.31 11.36
CA PHE B 67 -17.72 -21.75 10.34
C PHE B 67 -16.35 -21.12 10.62
N SER B 68 -15.31 -21.93 10.52
CA SER B 68 -13.95 -21.46 10.69
C SER B 68 -13.02 -22.25 9.78
N GLY B 69 -11.88 -21.67 9.47
CA GLY B 69 -10.90 -22.32 8.63
C GLY B 69 -9.52 -21.76 8.88
N SER B 70 -8.52 -22.51 8.45
CA SER B 70 -7.15 -22.05 8.58
C SER B 70 -6.31 -22.73 7.52
N GLY B 71 -4.99 -22.65 7.67
CA GLY B 71 -4.07 -23.28 6.73
C GLY B 71 -3.25 -22.26 5.98
N SER B 72 -2.27 -22.78 5.26
CA SER B 72 -1.35 -21.93 4.50
C SER B 72 -0.74 -22.76 3.39
N GLY B 73 -0.09 -22.06 2.46
CA GLY B 73 0.59 -22.72 1.36
C GLY B 73 -0.34 -23.41 0.39
N THR B 74 -0.15 -24.72 0.23
CA THR B 74 -0.95 -25.50 -0.72
C THR B 74 -2.03 -26.34 -0.05
N SER B 75 -2.24 -26.18 1.25
CA SER B 75 -3.21 -26.99 1.98
C SER B 75 -4.11 -26.09 2.80
N PHE B 76 -5.42 -26.32 2.73
CA PHE B 76 -6.39 -25.58 3.51
C PHE B 76 -7.55 -26.49 3.86
N THR B 77 -8.29 -26.11 4.89
CA THR B 77 -9.40 -26.93 5.36
C THR B 77 -10.51 -26.04 5.89
N LEU B 78 -11.75 -26.39 5.58
CA LEU B 78 -12.93 -25.71 6.09
C LEU B 78 -13.57 -26.54 7.18
N GLU B 79 -13.79 -25.93 8.35
CA GLU B 79 -14.29 -26.63 9.53
C GLU B 79 -15.57 -25.96 10.02
N ILE B 80 -16.58 -26.77 10.29
CA ILE B 80 -17.84 -26.28 10.84
C ILE B 80 -18.08 -27.00 12.16
N SER B 81 -18.14 -26.23 13.25
CA SER B 81 -18.24 -26.83 14.58
C SER B 81 -19.58 -27.54 14.77
N ARG B 82 -20.68 -26.86 14.47
CA ARG B 82 -22.02 -27.39 14.68
C ARG B 82 -22.83 -27.22 13.41
N VAL B 83 -23.43 -28.31 12.93
CA VAL B 83 -24.20 -28.27 11.71
C VAL B 83 -25.65 -27.96 12.02
N GLU B 84 -26.20 -26.95 11.35
CA GLU B 84 -27.59 -26.55 11.50
C GLU B 84 -28.37 -26.94 10.26
N ALA B 85 -29.70 -26.93 10.40
CA ALA B 85 -30.56 -27.38 9.31
C ALA B 85 -30.45 -26.47 8.10
N GLU B 86 -30.05 -25.21 8.29
CA GLU B 86 -29.94 -24.27 7.19
C GLU B 86 -28.58 -24.31 6.51
N ASP B 87 -27.71 -25.24 6.89
CA ASP B 87 -26.35 -25.29 6.35
C ASP B 87 -26.24 -26.17 5.11
N VAL B 88 -27.34 -26.70 4.60
CA VAL B 88 -27.29 -27.59 3.44
C VAL B 88 -26.99 -26.78 2.19
N GLY B 89 -26.01 -27.24 1.42
CA GLY B 89 -25.65 -26.57 0.19
C GLY B 89 -24.41 -27.18 -0.43
N VAL B 90 -23.96 -26.55 -1.50
CA VAL B 90 -22.76 -26.97 -2.23
C VAL B 90 -21.69 -25.90 -2.03
N TYR B 91 -20.51 -26.32 -1.60
CA TYR B 91 -19.44 -25.40 -1.25
C TYR B 91 -18.36 -25.41 -2.33
N TYR B 92 -17.67 -24.28 -2.48
CA TYR B 92 -16.68 -24.10 -3.51
C TYR B 92 -15.43 -23.43 -2.94
N CYS B 93 -14.28 -23.72 -3.55
CA CYS B 93 -13.04 -23.02 -3.28
C CYS B 93 -12.46 -22.43 -4.57
N MET B 94 -11.82 -21.28 -4.46
CA MET B 94 -11.35 -20.57 -5.69
C MET B 94 -9.90 -20.11 -5.54
N GLN B 95 -9.26 -19.75 -6.65
CA GLN B 95 -7.83 -19.32 -6.65
C GLN B 95 -7.71 -17.91 -7.20
N GLY B 96 -6.85 -17.05 -6.62
CA GLY B 96 -6.66 -15.75 -7.24
C GLY B 96 -5.22 -15.28 -7.24
N ARG B 97 -4.29 -16.22 -7.29
CA ARG B 97 -2.87 -15.89 -7.34
C ARG B 97 -2.50 -15.29 -8.69
N HIS B 98 -2.71 -16.03 -9.77
CA HIS B 98 -2.39 -15.59 -11.12
C HIS B 98 -3.65 -15.68 -11.98
N THR B 99 -3.81 -14.71 -12.87
CA THR B 99 -4.85 -14.81 -13.87
C THR B 99 -4.48 -15.92 -14.87
N PRO B 100 -5.48 -16.61 -15.44
CA PRO B 100 -6.92 -16.49 -15.24
C PRO B 100 -7.41 -17.17 -13.98
N TRP B 101 -8.56 -16.77 -13.48
CA TRP B 101 -9.09 -17.35 -12.26
C TRP B 101 -9.70 -18.72 -12.52
N THR B 102 -9.50 -19.64 -11.60
CA THR B 102 -9.98 -21.01 -11.71
C THR B 102 -10.78 -21.39 -10.47
N PHE B 103 -11.81 -22.22 -10.69
CA PHE B 103 -12.67 -22.68 -9.64
C PHE B 103 -12.42 -24.16 -9.39
N GLY B 104 -12.99 -24.67 -8.30
CA GLY B 104 -12.83 -26.06 -7.93
C GLY B 104 -13.85 -26.95 -8.60
N GLN B 105 -14.11 -28.08 -7.93
CA GLN B 105 -15.08 -29.05 -8.43
C GLN B 105 -16.38 -29.06 -7.64
N GLY B 106 -16.35 -28.65 -6.38
CA GLY B 106 -17.55 -28.55 -5.59
C GLY B 106 -17.63 -29.60 -4.49
N THR B 107 -18.46 -29.31 -3.48
CA THR B 107 -18.71 -30.24 -2.38
C THR B 107 -20.10 -29.98 -1.84
N LYS B 108 -20.99 -30.96 -2.01
CA LYS B 108 -22.37 -30.85 -1.58
C LYS B 108 -22.58 -31.63 -0.29
N VAL B 109 -23.39 -31.07 0.60
CA VAL B 109 -23.65 -31.68 1.90
C VAL B 109 -25.11 -32.05 2.00
N GLU B 110 -25.40 -33.00 2.88
CA GLU B 110 -26.76 -33.49 3.10
C GLU B 110 -26.81 -34.17 4.45
N ILE B 111 -27.93 -34.82 4.73
CA ILE B 111 -28.16 -35.52 6.00
C ILE B 111 -28.07 -37.01 5.74
N LYS B 112 -27.32 -37.71 6.59
CA LYS B 112 -27.17 -39.16 6.44
C LYS B 112 -28.50 -39.85 6.71
N ARG B 113 -28.98 -40.62 5.73
CA ARG B 113 -30.28 -41.25 5.84
C ARG B 113 -30.24 -42.41 6.84
N THR B 114 -31.42 -42.78 7.32
CA THR B 114 -31.55 -43.91 8.23
C THR B 114 -31.89 -45.17 7.45
N ILE C 3 25.19 10.83 1.01
CA ILE C 3 25.09 9.41 0.62
C ILE C 3 25.50 8.57 1.83
N ASP C 4 26.09 9.16 2.88
CA ASP C 4 26.42 8.41 4.13
C ASP C 4 25.61 9.03 5.25
N PRO C 5 24.85 8.28 6.03
CA PRO C 5 23.96 8.89 6.98
C PRO C 5 24.71 9.61 8.08
N TYR C 6 25.77 9.03 8.56
CA TYR C 6 26.45 9.60 9.72
C TYR C 6 27.91 10.05 9.53
N LYS C 7 28.62 9.54 8.53
CA LYS C 7 30.02 9.88 8.18
C LYS C 7 30.66 10.95 9.08
N GLU C 8 30.15 12.18 9.10
CA GLU C 8 30.81 13.33 9.80
C GLU C 8 30.77 13.25 11.33
N PHE C 9 30.24 12.15 11.95
CA PHE C 9 30.37 11.99 13.39
C PHE C 9 31.46 11.01 13.79
N GLY C 10 32.34 10.64 12.87
CA GLY C 10 33.32 9.61 13.16
C GLY C 10 32.69 8.24 13.36
N ALA C 11 31.69 7.89 12.55
CA ALA C 11 31.06 6.59 12.62
C ALA C 11 30.75 6.13 11.20
N SER C 12 30.31 4.88 11.08
CA SER C 12 30.01 4.30 9.78
C SER C 12 28.78 3.43 9.89
N VAL C 13 28.09 3.26 8.76
CA VAL C 13 26.91 2.41 8.75
C VAL C 13 27.28 0.98 9.12
N GLU C 14 28.43 0.52 8.78
CA GLU C 14 28.88 -0.86 9.10
C GLU C 14 29.16 -0.97 10.61
N LEU C 15 29.58 0.16 11.26
CA LEU C 15 29.85 0.09 12.69
C LEU C 15 28.56 -0.15 13.47
N LEU C 16 27.45 0.41 13.00
CA LEU C 16 26.18 0.19 13.67
C LEU C 16 25.57 -1.18 13.36
N SER C 17 26.11 -1.91 12.38
CA SER C 17 25.55 -3.21 12.03
C SER C 17 25.60 -4.17 13.22
N PHE C 18 26.69 -4.11 14.00
CA PHE C 18 26.83 -5.03 15.11
C PHE C 18 25.67 -4.93 16.09
N LEU C 19 25.04 -3.76 16.18
CA LEU C 19 23.88 -3.62 17.05
C LEU C 19 22.69 -4.33 16.44
N PRO C 20 22.11 -5.33 17.09
CA PRO C 20 20.94 -5.99 16.51
C PRO C 20 19.74 -5.06 16.44
N SER C 21 18.90 -5.28 15.44
CA SER C 21 17.75 -4.42 15.22
C SER C 21 16.79 -4.47 16.40
N ASP C 22 16.66 -5.64 17.04
CA ASP C 22 15.66 -5.81 18.09
C ASP C 22 16.01 -5.06 19.36
N PHE C 23 17.31 -4.88 19.64
CA PHE C 23 17.70 -4.32 20.94
C PHE C 23 17.62 -2.79 20.96
N PHE C 24 16.97 -2.17 19.99
CA PHE C 24 16.76 -0.72 20.01
C PHE C 24 15.58 -0.37 20.89
N PRO C 25 15.43 0.91 21.26
CA PRO C 25 14.27 1.33 22.05
C PRO C 25 13.08 1.66 21.16
N SER C 26 11.92 1.73 21.81
CA SER C 26 10.67 2.04 21.13
C SER C 26 10.64 3.51 20.75
N ILE C 27 9.71 3.78 19.71
CA ILE C 27 9.67 5.17 19.15
C ILE C 27 9.28 6.19 20.23
N ARG C 28 8.16 6.13 20.80
CA ARG C 28 7.56 7.12 21.72
C ARG C 28 8.51 7.44 22.87
N ASP C 29 9.34 6.44 23.31
CA ASP C 29 10.31 6.72 24.35
C ASP C 29 11.36 7.72 23.87
N LEU C 30 11.90 7.52 22.66
CA LEU C 30 12.89 8.46 22.16
C LEU C 30 12.28 9.83 21.94
N LEU C 31 11.05 9.85 21.42
CA LEU C 31 10.33 11.13 21.20
C LEU C 31 10.30 11.89 22.53
N ASP C 32 9.78 11.24 23.57
CA ASP C 32 9.64 11.89 24.88
C ASP C 32 11.00 12.30 25.43
N THR C 33 11.99 11.43 25.32
CA THR C 33 13.30 11.72 25.89
C THR C 33 13.90 12.96 25.24
N ALA C 34 13.79 13.06 23.92
CA ALA C 34 14.26 14.25 23.23
C ALA C 34 13.47 15.48 23.67
N SER C 35 12.14 15.40 23.58
CA SER C 35 11.32 16.57 23.83
C SER C 35 11.55 17.10 25.24
N ALA C 36 11.21 16.31 26.25
CA ALA C 36 11.23 16.79 27.63
C ALA C 36 12.58 17.38 27.98
N LEU C 37 13.65 16.66 27.69
CA LEU C 37 14.98 17.09 28.11
C LEU C 37 15.47 18.30 27.33
N TYR C 38 15.33 18.28 26.00
CA TYR C 38 16.07 19.21 25.15
C TYR C 38 15.15 20.13 24.34
N ARG C 39 13.92 20.38 24.80
CA ARG C 39 13.09 21.38 24.14
C ARG C 39 13.81 22.73 24.12
N GLU C 40 14.39 23.13 25.25
CA GLU C 40 15.10 24.39 25.30
C GLU C 40 16.23 24.42 24.27
N ALA C 41 16.97 23.32 24.16
CA ALA C 41 18.03 23.26 23.15
C ALA C 41 17.46 23.41 21.75
N LEU C 42 16.31 22.79 21.49
CA LEU C 42 15.66 22.99 20.19
C LEU C 42 15.33 24.46 19.96
N GLU C 43 14.89 25.15 21.01
CA GLU C 43 14.44 26.54 20.91
C GLU C 43 15.58 27.45 21.35
N SER C 44 16.37 27.90 20.40
CA SER C 44 17.43 28.87 20.65
C SER C 44 17.80 29.53 19.33
N PRO C 45 18.42 30.71 19.37
CA PRO C 45 18.89 31.34 18.13
C PRO C 45 20.27 30.85 17.73
N GLU C 46 21.02 30.30 18.68
CA GLU C 46 22.36 29.81 18.39
C GLU C 46 22.30 28.67 17.37
N HIS C 47 23.27 28.66 16.46
CA HIS C 47 23.38 27.63 15.42
C HIS C 47 24.74 26.95 15.59
N CYS C 48 24.71 25.70 16.05
CA CYS C 48 25.97 24.92 16.25
C CYS C 48 25.66 23.42 16.25
N SER C 49 26.54 22.60 16.83
CA SER C 49 26.31 21.13 16.91
C SER C 49 25.24 20.73 15.90
N PRO C 50 25.57 20.50 14.61
CA PRO C 50 24.54 20.24 13.60
C PRO C 50 23.63 19.06 13.90
N HIS C 51 23.96 18.23 14.89
CA HIS C 51 23.01 17.19 15.26
C HIS C 51 21.70 17.80 15.73
N HIS C 52 21.73 19.07 16.16
CA HIS C 52 20.46 19.75 16.52
C HIS C 52 19.57 19.79 15.27
N THR C 53 20.10 20.35 14.17
CA THR C 53 19.32 20.42 12.91
C THR C 53 18.95 18.99 12.47
N ALA C 54 19.89 18.05 12.57
CA ALA C 54 19.60 16.68 12.17
C ALA C 54 18.37 16.13 12.89
N LEU C 55 18.27 16.39 14.21
CA LEU C 55 17.10 15.93 14.94
C LEU C 55 15.86 16.64 14.45
N ARG C 56 16.04 17.92 14.02
CA ARG C 56 14.91 18.75 13.50
C ARG C 56 14.43 18.13 12.18
N GLN C 57 15.33 17.59 11.36
CA GLN C 57 14.95 16.90 10.13
C GLN C 57 14.26 15.57 10.44
N ALA C 58 14.78 14.85 11.44
CA ALA C 58 14.17 13.57 11.78
C ALA C 58 12.73 13.75 12.25
N ILE C 59 12.50 14.73 13.11
CA ILE C 59 11.14 14.94 13.61
C ILE C 59 10.23 15.37 12.48
N LEU C 60 10.73 16.18 11.55
CA LEU C 60 9.91 16.58 10.41
C LEU C 60 9.54 15.39 9.56
N CYS C 61 10.50 14.50 9.30
CA CYS C 61 10.20 13.31 8.50
C CYS C 61 9.15 12.46 9.19
N TRP C 62 9.27 12.27 10.50
CA TRP C 62 8.27 11.49 11.22
C TRP C 62 6.90 12.14 11.12
N GLY C 63 6.84 13.46 11.25
CA GLY C 63 5.56 14.13 11.10
C GLY C 63 4.94 13.91 9.74
N GLU C 64 5.75 13.99 8.69
CA GLU C 64 5.22 13.77 7.35
C GLU C 64 4.70 12.35 7.20
N LEU C 65 5.44 11.36 7.70
CA LEU C 65 5.00 9.97 7.62
C LEU C 65 3.69 9.77 8.38
N MET C 66 3.57 10.36 9.56
CA MET C 66 2.32 10.23 10.31
C MET C 66 1.16 10.86 9.56
N ASN C 67 1.41 12.00 8.90
CA ASN C 67 0.36 12.63 8.10
C ASN C 67 -0.08 11.71 6.98
N LEU C 68 0.88 11.08 6.29
CA LEU C 68 0.54 10.10 5.26
C LEU C 68 -0.30 8.97 5.85
N ALA C 69 0.09 8.49 7.04
CA ALA C 69 -0.64 7.38 7.65
C ALA C 69 -2.09 7.76 7.91
N THR C 70 -2.32 8.94 8.48
CA THR C 70 -3.70 9.33 8.77
C THR C 70 -4.49 9.51 7.48
N TRP C 71 -3.86 10.09 6.46
CA TRP C 71 -4.56 10.25 5.19
C TRP C 71 -4.98 8.90 4.62
N VAL C 72 -4.08 7.92 4.66
CA VAL C 72 -4.43 6.59 4.19
C VAL C 72 -5.56 6.01 5.03
N GLY C 73 -5.50 6.25 6.34
CA GLY C 73 -6.58 5.77 7.21
C GLY C 73 -7.92 6.32 6.80
N SER C 74 -7.85 7.64 6.31
CA SER C 74 -9.10 8.34 5.91
C SER C 74 -9.69 7.66 4.67
N ASN C 75 -8.97 7.66 3.51
CA ASN C 75 -9.49 7.19 2.16
C ASN C 75 -9.12 5.74 1.81
N LEU C 76 -8.68 5.44 0.56
CA LEU C 76 -8.21 4.05 0.27
C LEU C 76 -9.29 2.98 0.52
N GLU C 77 -10.27 2.79 -0.37
CA GLU C 77 -11.45 1.94 -0.07
C GLU C 77 -11.19 0.48 0.31
N ASP C 78 -10.26 -0.25 -0.29
CA ASP C 78 -10.15 -1.63 0.24
C ASP C 78 -9.74 -1.52 1.70
N PRO C 79 -10.39 -2.24 2.63
CA PRO C 79 -9.99 -2.26 4.04
C PRO C 79 -8.61 -2.88 4.26
N ALA C 80 -8.32 -3.96 3.53
CA ALA C 80 -7.05 -4.67 3.79
C ALA C 80 -5.87 -3.82 3.33
N SER C 81 -5.71 -3.69 2.01
CA SER C 81 -4.60 -2.84 1.61
C SER C 81 -4.30 -1.79 2.67
N ARG C 82 -5.35 -1.19 3.24
CA ARG C 82 -5.16 -0.19 4.28
C ARG C 82 -4.38 -0.77 5.46
N GLU C 83 -4.79 -1.94 5.94
CA GLU C 83 -4.10 -2.55 7.06
C GLU C 83 -2.66 -2.89 6.70
N LEU C 84 -2.44 -3.40 5.49
CA LEU C 84 -1.07 -3.72 5.07
C LEU C 84 -0.19 -2.48 5.09
N VAL C 85 -0.68 -1.38 4.51
CA VAL C 85 0.10 -0.16 4.46
C VAL C 85 0.36 0.38 5.86
N VAL C 86 -0.67 0.35 6.72
CA VAL C 86 -0.49 0.86 8.07
C VAL C 86 0.55 0.05 8.82
N SER C 87 0.46 -1.29 8.72
CA SER C 87 1.43 -2.12 9.39
C SER C 87 2.84 -1.86 8.87
N TYR C 88 2.98 -1.72 7.56
CA TYR C 88 4.30 -1.48 6.99
C TYR C 88 4.87 -0.15 7.49
N VAL C 89 4.07 0.91 7.45
CA VAL C 89 4.56 2.22 7.87
C VAL C 89 4.92 2.20 9.35
N ASN C 90 4.13 1.48 10.16
CA ASN C 90 4.40 1.46 11.59
C ASN C 90 5.65 0.66 11.92
N VAL C 91 5.84 -0.50 11.28
CA VAL C 91 6.90 -1.41 11.71
C VAL C 91 8.16 -1.19 10.88
N ASN C 92 8.07 -1.41 9.57
CA ASN C 92 9.28 -1.44 8.76
C ASN C 92 9.83 -0.04 8.54
N MET C 93 8.97 0.97 8.48
CA MET C 93 9.36 2.30 8.04
C MET C 93 10.15 3.08 9.07
N GLY C 94 10.15 2.65 10.34
CA GLY C 94 10.69 3.48 11.40
C GLY C 94 12.07 3.11 11.88
N LEU C 95 12.64 2.04 11.34
CA LEU C 95 13.93 1.57 11.84
C LEU C 95 15.01 2.63 11.68
N LYS C 96 15.10 3.23 10.49
CA LYS C 96 16.15 4.22 10.25
C LYS C 96 15.99 5.44 11.13
N ILE C 97 14.77 5.98 11.19
CA ILE C 97 14.51 7.14 12.09
C ILE C 97 14.88 6.71 13.50
N ARG C 98 14.42 5.59 14.00
CA ARG C 98 14.72 5.20 15.41
C ARG C 98 16.24 5.24 15.62
N GLN C 99 17.00 4.62 14.67
CA GLN C 99 18.47 4.60 14.78
C GLN C 99 19.01 6.03 14.87
N LEU C 100 18.49 6.91 14.02
CA LEU C 100 18.96 8.29 14.02
C LEU C 100 18.70 8.95 15.37
N LEU C 101 17.49 8.76 15.90
CA LEU C 101 17.16 9.39 17.18
C LEU C 101 18.07 8.85 18.28
N TRP C 102 18.29 7.54 18.30
CA TRP C 102 19.15 6.97 19.33
C TRP C 102 20.52 7.60 19.26
N PHE C 103 21.10 7.65 18.06
CA PHE C 103 22.44 8.20 17.90
C PHE C 103 22.49 9.64 18.38
N HIS C 104 21.59 10.47 17.88
CA HIS C 104 21.68 11.91 18.17
C HIS C 104 21.43 12.19 19.65
N ILE C 105 20.41 11.54 20.23
CA ILE C 105 20.17 11.72 21.65
C ILE C 105 21.41 11.31 22.44
N SER C 106 21.93 10.11 22.15
CA SER C 106 23.11 9.61 22.90
C SER C 106 24.20 10.69 22.96
N CYS C 107 24.64 11.18 21.78
CA CYS C 107 25.66 12.27 21.74
C CYS C 107 25.08 13.52 22.39
N LEU C 108 23.80 13.81 22.15
CA LEU C 108 23.12 15.00 22.71
C LEU C 108 23.09 14.91 24.24
N THR C 109 22.89 13.70 24.77
CA THR C 109 22.81 13.51 26.26
C THR C 109 24.19 13.71 26.87
N PHE C 110 25.10 12.76 26.65
CA PHE C 110 26.46 12.85 27.24
C PHE C 110 27.41 13.46 26.20
N GLY C 111 28.54 12.81 25.93
CA GLY C 111 29.52 13.41 25.00
C GLY C 111 29.84 12.44 23.87
N ARG C 112 30.47 12.92 22.79
CA ARG C 112 30.69 12.01 21.67
C ARG C 112 31.60 10.86 22.05
N GLU C 113 32.75 11.14 22.67
CA GLU C 113 33.73 10.09 22.93
C GLU C 113 33.10 8.94 23.71
N THR C 114 32.20 9.27 24.64
CA THR C 114 31.48 8.25 25.45
C THR C 114 30.56 7.44 24.54
N VAL C 115 29.99 8.06 23.50
CA VAL C 115 29.12 7.36 22.57
C VAL C 115 29.93 6.40 21.70
N LEU C 116 31.05 6.86 21.20
CA LEU C 116 31.93 6.05 20.31
C LEU C 116 32.48 4.86 21.11
N GLU C 117 32.83 5.07 22.41
CA GLU C 117 33.31 3.98 23.24
C GLU C 117 32.22 2.93 23.44
N TYR C 118 31.02 3.37 23.82
CA TYR C 118 29.92 2.44 24.02
C TYR C 118 29.63 1.67 22.75
N LEU C 119 29.66 2.36 21.61
CA LEU C 119 29.27 1.74 20.35
C LEU C 119 30.29 0.70 19.91
N VAL C 120 31.51 0.82 20.08
CA VAL C 120 32.52 -0.19 19.65
C VAL C 120 32.56 -1.30 20.70
N SER C 121 32.33 -0.92 22.04
CA SER C 121 32.38 -1.97 23.04
C SER C 121 31.20 -2.93 22.91
N PHE C 122 30.00 -2.39 22.65
CA PHE C 122 28.83 -3.26 22.62
C PHE C 122 28.99 -4.38 21.61
N GLY C 123 29.81 -4.17 20.58
CA GLY C 123 30.08 -5.24 19.63
C GLY C 123 30.67 -6.47 20.28
N VAL C 124 31.40 -6.28 21.39
CA VAL C 124 31.98 -7.41 22.10
C VAL C 124 30.89 -8.35 22.58
N TRP C 125 29.82 -7.80 23.15
CA TRP C 125 28.82 -8.62 23.82
C TRP C 125 28.23 -9.66 22.87
N ILE C 126 27.84 -9.23 21.67
CA ILE C 126 27.17 -10.15 20.76
C ILE C 126 28.14 -11.24 20.30
N ARG C 127 29.42 -10.91 20.12
CA ARG C 127 30.34 -11.86 19.51
C ARG C 127 30.70 -13.01 20.45
N THR C 128 30.80 -12.73 21.74
CA THR C 128 31.20 -13.77 22.74
C THR C 128 30.15 -14.88 22.78
N PRO C 129 30.51 -16.14 23.14
CA PRO C 129 29.53 -17.24 23.20
C PRO C 129 28.81 -17.25 24.53
N PRO C 130 27.54 -17.65 24.55
CA PRO C 130 26.80 -17.67 25.82
C PRO C 130 27.41 -18.55 26.89
N ALA C 131 28.15 -19.60 26.51
CA ALA C 131 28.67 -20.53 27.50
C ALA C 131 29.58 -19.82 28.49
N TYR C 132 30.46 -18.94 27.99
CA TYR C 132 31.37 -18.17 28.84
C TYR C 132 31.14 -16.67 28.72
N ARG C 133 30.05 -16.24 28.11
CA ARG C 133 29.77 -14.82 28.00
C ARG C 133 29.42 -14.24 29.37
N PRO C 134 29.85 -13.01 29.68
CA PRO C 134 29.41 -12.39 30.92
C PRO C 134 27.92 -12.20 30.93
N PRO C 135 27.28 -12.24 32.10
CA PRO C 135 25.80 -12.18 32.12
C PRO C 135 25.24 -10.90 31.56
N ASN C 136 25.73 -9.75 32.01
CA ASN C 136 25.13 -8.47 31.69
C ASN C 136 25.76 -7.85 30.46
N ALA C 137 25.00 -6.97 29.79
CA ALA C 137 25.51 -6.28 28.59
C ALA C 137 25.88 -4.84 28.97
N PRO C 138 26.66 -4.10 28.14
CA PRO C 138 27.10 -2.75 28.50
C PRO C 138 26.05 -1.66 28.28
N ILE C 139 25.84 -0.78 29.26
CA ILE C 139 24.92 0.33 29.09
C ILE C 139 25.73 1.60 28.83
N LEU C 140 25.07 2.60 28.25
CA LEU C 140 25.76 3.85 27.96
C LEU C 140 26.27 4.51 29.23
N SER C 141 25.50 4.44 30.31
CA SER C 141 25.89 4.97 31.64
C SER C 141 26.21 6.47 31.55
N THR C 142 26.69 7.07 32.63
CA THR C 142 27.05 8.52 32.70
C THR C 142 27.38 8.88 34.15
N ASP D 2 5.39 23.11 16.05
CA ASP D 2 6.34 23.75 16.97
C ASP D 2 7.77 23.74 16.43
N ILE D 3 7.89 23.58 15.12
CA ILE D 3 9.19 23.58 14.45
C ILE D 3 9.15 24.60 13.32
N ASP D 4 10.18 25.44 13.25
CA ASP D 4 10.33 26.45 12.21
C ASP D 4 11.67 26.19 11.53
N PRO D 5 11.71 25.31 10.52
CA PRO D 5 13.01 24.96 9.93
C PRO D 5 13.77 26.17 9.40
N TYR D 6 13.16 27.14 8.86
CA TYR D 6 13.83 28.32 8.27
C TYR D 6 14.18 29.34 9.36
N LYS D 7 13.62 29.19 10.60
CA LYS D 7 13.96 30.15 11.65
C LYS D 7 15.44 30.16 11.96
N GLU D 8 16.14 29.05 11.74
CA GLU D 8 17.57 29.01 12.04
C GLU D 8 18.38 29.79 11.03
N PHE D 9 17.78 30.22 9.92
CA PHE D 9 18.44 31.06 8.93
C PHE D 9 17.82 32.44 8.82
N GLY D 10 16.81 32.75 9.61
CA GLY D 10 16.17 34.05 9.58
C GLY D 10 14.99 34.18 8.67
N ALA D 11 14.46 33.08 8.13
CA ALA D 11 13.29 33.10 7.27
C ALA D 11 12.18 32.28 7.92
N SER D 12 10.96 32.45 7.39
CA SER D 12 9.79 31.78 7.91
C SER D 12 9.11 30.99 6.80
N VAL D 13 8.22 30.07 7.21
CA VAL D 13 7.55 29.21 6.25
C VAL D 13 6.74 30.03 5.25
N GLU D 14 6.08 31.08 5.72
CA GLU D 14 5.18 31.83 4.85
C GLU D 14 5.94 32.45 3.69
N LEU D 15 7.20 32.85 3.91
CA LEU D 15 7.99 33.42 2.85
C LEU D 15 8.00 32.52 1.62
N LEU D 16 8.30 31.23 1.82
CA LEU D 16 8.31 30.30 0.71
C LEU D 16 6.90 29.88 0.30
N SER D 17 5.98 29.77 1.26
CA SER D 17 4.61 29.41 0.92
C SER D 17 4.02 30.38 -0.09
N PHE D 18 4.42 31.66 -0.02
CA PHE D 18 3.96 32.62 -1.01
C PHE D 18 4.48 32.30 -2.41
N LEU D 19 5.49 31.45 -2.52
CA LEU D 19 6.08 31.13 -3.82
C LEU D 19 5.23 30.07 -4.51
N PRO D 20 4.76 30.30 -5.74
CA PRO D 20 3.95 29.29 -6.42
C PRO D 20 4.75 28.05 -6.75
N SER D 21 4.04 27.01 -7.20
CA SER D 21 4.67 25.74 -7.49
C SER D 21 5.50 25.79 -8.76
N ASP D 22 5.06 26.55 -9.76
CA ASP D 22 5.80 26.61 -11.02
C ASP D 22 7.23 27.07 -10.80
N PHE D 23 7.55 27.96 -9.98
CA PHE D 23 8.90 28.53 -9.81
C PHE D 23 9.94 27.45 -9.48
N PHE D 24 9.57 26.48 -8.52
CA PHE D 24 10.59 25.50 -8.16
C PHE D 24 10.93 24.64 -9.37
N PRO D 25 12.18 24.23 -9.52
CA PRO D 25 12.56 23.36 -10.64
C PRO D 25 12.09 21.94 -10.39
N SER D 26 12.45 21.06 -11.31
CA SER D 26 12.14 19.65 -11.18
C SER D 26 13.06 18.98 -10.16
N ILE D 27 12.59 17.86 -9.62
CA ILE D 27 13.40 17.12 -8.64
C ILE D 27 14.68 16.63 -9.27
N ARG D 28 14.60 16.11 -10.49
CA ARG D 28 15.80 15.63 -11.17
C ARG D 28 16.82 16.74 -11.32
N ASP D 29 16.36 17.95 -11.64
CA ASP D 29 17.28 19.07 -11.76
C ASP D 29 18.00 19.34 -10.45
N LEU D 30 17.26 19.35 -9.34
CA LEU D 30 17.89 19.61 -8.05
C LEU D 30 18.90 18.52 -7.70
N LEU D 31 18.54 17.26 -7.92
CA LEU D 31 19.46 16.17 -7.60
C LEU D 31 20.71 16.24 -8.46
N ASP D 32 20.55 16.53 -9.75
CA ASP D 32 21.71 16.64 -10.62
C ASP D 32 22.60 17.79 -10.20
N THR D 33 22.01 18.93 -9.84
CA THR D 33 22.81 20.05 -9.38
C THR D 33 23.59 19.67 -8.12
N ALA D 34 22.93 19.04 -7.16
CA ALA D 34 23.61 18.65 -5.94
C ALA D 34 24.76 17.70 -6.24
N SER D 35 24.55 16.75 -7.15
CA SER D 35 25.60 15.80 -7.49
C SER D 35 26.78 16.50 -8.16
N ALA D 36 26.50 17.30 -9.19
CA ALA D 36 27.57 17.81 -10.04
C ALA D 36 28.34 18.93 -9.35
N LEU D 37 27.65 19.84 -8.68
CA LEU D 37 28.28 21.09 -8.28
C LEU D 37 28.82 21.07 -6.86
N TYR D 38 28.42 20.10 -6.01
CA TYR D 38 28.87 20.12 -4.63
C TYR D 38 29.19 18.73 -4.11
N ARG D 39 29.55 17.79 -4.98
CA ARG D 39 29.83 16.44 -4.50
C ARG D 39 31.14 16.39 -3.71
N GLU D 40 32.16 17.12 -4.16
CA GLU D 40 33.48 16.97 -3.56
C GLU D 40 33.44 17.23 -2.05
N ALA D 41 32.86 18.35 -1.64
CA ALA D 41 32.79 18.68 -0.23
C ALA D 41 31.54 18.11 0.45
N LEU D 42 30.59 17.57 -0.31
CA LEU D 42 29.38 17.03 0.30
C LEU D 42 29.71 15.86 1.22
N GLU D 43 30.57 14.96 0.76
CA GLU D 43 30.93 13.81 1.58
C GLU D 43 31.97 14.16 2.63
N SER D 44 32.85 15.12 2.33
CA SER D 44 33.97 15.43 3.20
C SER D 44 33.47 16.04 4.51
N PRO D 45 34.27 15.94 5.59
CA PRO D 45 33.85 16.53 6.86
C PRO D 45 34.27 17.99 7.02
N GLU D 46 33.36 18.83 7.48
CA GLU D 46 33.65 20.24 7.70
C GLU D 46 32.79 20.75 8.86
N HIS D 47 33.21 21.89 9.41
CA HIS D 47 32.50 22.50 10.52
C HIS D 47 31.45 23.49 10.00
N CYS D 48 30.59 23.93 10.91
CA CYS D 48 29.49 24.84 10.58
C CYS D 48 28.76 24.22 9.39
N SER D 49 28.61 25.10 8.28
CA SER D 49 27.99 24.63 7.01
C SER D 49 26.74 23.80 7.30
N PRO D 50 25.76 24.27 7.98
CA PRO D 50 24.48 23.58 8.22
C PRO D 50 23.75 23.23 6.94
N HIS D 51 23.93 24.02 5.87
CA HIS D 51 23.22 23.75 4.63
C HIS D 51 23.58 22.38 4.08
N HIS D 52 24.91 22.02 4.28
CA HIS D 52 25.37 20.68 3.83
C HIS D 52 24.55 19.60 4.53
N THR D 53 24.33 19.73 5.80
CA THR D 53 23.64 18.73 6.65
C THR D 53 22.18 18.60 6.21
N ALA D 54 21.52 19.76 5.86
CA ALA D 54 20.14 19.70 5.39
C ALA D 54 20.06 18.99 4.05
N LEU D 55 20.98 19.31 3.13
CA LEU D 55 20.98 18.64 1.83
C LEU D 55 21.21 17.14 1.99
N ARG D 56 22.17 16.76 2.84
CA ARG D 56 22.48 15.35 3.03
C ARG D 56 21.27 14.62 3.55
N GLN D 57 20.53 15.08 4.45
CA GLN D 57 19.36 14.37 5.04
C GLN D 57 18.17 14.40 4.09
N ALA D 58 18.04 15.54 3.25
CA ALA D 58 16.98 15.50 2.25
C ALA D 58 17.21 14.40 1.23
N ILE D 59 18.39 14.18 0.78
CA ILE D 59 18.70 13.14 -0.24
C ILE D 59 18.35 11.75 0.32
N LEU D 60 18.67 11.51 1.65
CA LEU D 60 18.31 10.23 2.23
C LEU D 60 16.79 10.09 2.35
N CYS D 61 16.11 11.16 2.79
CA CYS D 61 14.66 11.08 2.93
C CYS D 61 14.00 10.73 1.58
N TRP D 62 14.39 11.45 0.53
CA TRP D 62 13.74 11.21 -0.76
C TRP D 62 14.15 9.88 -1.37
N GLY D 63 15.36 9.39 -1.09
CA GLY D 63 15.70 8.04 -1.50
C GLY D 63 14.82 7.01 -0.83
N GLU D 64 14.55 7.21 0.46
CA GLU D 64 13.65 6.30 1.17
C GLU D 64 12.25 6.35 0.56
N LEU D 65 11.79 7.55 0.19
CA LEU D 65 10.48 7.66 -0.46
C LEU D 65 10.45 6.92 -1.80
N MET D 66 11.52 7.02 -2.58
CA MET D 66 11.59 6.27 -3.84
C MET D 66 11.54 4.77 -3.58
N ASN D 67 12.26 4.31 -2.55
CA ASN D 67 12.20 2.89 -2.21
C ASN D 67 10.77 2.48 -1.88
N LEU D 68 10.07 3.33 -1.14
CA LEU D 68 8.66 3.04 -0.83
C LEU D 68 7.83 2.95 -2.10
N ALA D 69 8.05 3.88 -3.04
CA ALA D 69 7.30 3.85 -4.29
C ALA D 69 7.54 2.54 -5.03
N THR D 70 8.80 2.13 -5.12
CA THR D 70 9.11 0.88 -5.81
C THR D 70 8.45 -0.31 -5.11
N TRP D 71 8.51 -0.33 -3.78
CA TRP D 71 7.98 -1.46 -3.04
C TRP D 71 6.46 -1.55 -3.22
N VAL D 72 5.78 -0.40 -3.24
CA VAL D 72 4.33 -0.44 -3.43
C VAL D 72 4.00 -0.80 -4.86
N GLY D 73 4.83 -0.39 -5.81
CA GLY D 73 4.62 -0.81 -7.20
C GLY D 73 4.72 -2.31 -7.37
N SER D 74 5.71 -2.93 -6.73
CA SER D 74 5.93 -4.36 -6.91
C SER D 74 4.74 -5.16 -6.40
N ASN D 75 4.41 -4.98 -5.11
CA ASN D 75 3.37 -5.81 -4.44
C ASN D 75 1.99 -5.19 -4.66
N LEU D 76 1.22 -4.93 -3.58
CA LEU D 76 -0.05 -4.15 -3.77
C LEU D 76 -0.94 -4.75 -4.85
N GLU D 77 -1.50 -5.92 -4.63
CA GLU D 77 -2.21 -6.64 -5.73
C GLU D 77 -3.35 -5.84 -6.34
N ASP D 78 -4.15 -5.06 -5.62
CA ASP D 78 -5.24 -4.36 -6.36
C ASP D 78 -4.64 -3.49 -7.45
N PRO D 79 -5.21 -3.51 -8.69
CA PRO D 79 -4.68 -2.71 -9.80
C PRO D 79 -4.91 -1.19 -9.75
N ALA D 80 -5.94 -0.70 -9.04
CA ALA D 80 -6.15 0.75 -9.12
C ALA D 80 -5.35 1.55 -8.12
N SER D 81 -5.43 1.16 -6.88
CA SER D 81 -4.83 1.94 -5.82
C SER D 81 -3.48 2.52 -6.22
N ARG D 82 -2.69 1.74 -6.96
CA ARG D 82 -1.31 2.15 -7.27
C ARG D 82 -1.26 3.56 -7.84
N GLU D 83 -2.20 3.91 -8.72
CA GLU D 83 -2.18 5.24 -9.31
C GLU D 83 -2.31 6.31 -8.24
N LEU D 84 -3.29 6.16 -7.34
CA LEU D 84 -3.49 7.15 -6.30
C LEU D 84 -2.28 7.23 -5.38
N VAL D 85 -1.79 6.06 -4.98
CA VAL D 85 -0.64 6.02 -4.03
C VAL D 85 0.55 6.75 -4.67
N VAL D 86 0.91 6.38 -5.89
CA VAL D 86 2.09 6.95 -6.52
C VAL D 86 1.89 8.44 -6.77
N SER D 87 0.67 8.84 -7.13
CA SER D 87 0.40 10.26 -7.32
C SER D 87 0.67 11.02 -6.04
N TYR D 88 0.09 10.57 -4.92
CA TYR D 88 0.25 11.29 -3.67
C TYR D 88 1.71 11.30 -3.24
N VAL D 89 2.42 10.19 -3.41
CA VAL D 89 3.81 10.13 -2.97
C VAL D 89 4.70 11.03 -3.82
N ASN D 90 4.41 11.10 -5.12
CA ASN D 90 5.33 11.79 -6.04
C ASN D 90 5.04 13.28 -6.12
N VAL D 91 3.82 13.64 -6.51
CA VAL D 91 3.55 15.05 -6.82
C VAL D 91 3.23 15.85 -5.56
N ASN D 92 2.47 15.27 -4.63
CA ASN D 92 2.01 16.05 -3.49
C ASN D 92 3.07 16.11 -2.39
N MET D 93 3.57 14.96 -1.95
CA MET D 93 4.55 14.96 -0.87
C MET D 93 5.88 15.55 -1.29
N GLY D 94 6.29 15.32 -2.54
CA GLY D 94 7.58 15.82 -2.99
C GLY D 94 7.68 17.32 -3.05
N LEU D 95 6.57 18.03 -2.91
CA LEU D 95 6.61 19.49 -2.98
C LEU D 95 7.50 20.07 -1.88
N LYS D 96 7.39 19.53 -0.67
CA LYS D 96 8.24 20.01 0.42
C LYS D 96 9.70 19.74 0.13
N ILE D 97 10.01 18.58 -0.45
CA ILE D 97 11.40 18.28 -0.79
C ILE D 97 11.93 19.27 -1.81
N ARG D 98 11.12 19.57 -2.83
CA ARG D 98 11.52 20.55 -3.82
C ARG D 98 11.78 21.90 -3.16
N GLN D 99 10.74 22.20 -2.21
CA GLN D 99 10.78 23.47 -1.43
C GLN D 99 12.15 23.59 -0.74
N LEU D 100 12.57 22.65 0.03
CA LEU D 100 13.76 22.67 0.87
C LEU D 100 15.02 22.61 0.03
N LEU D 101 15.02 21.75 -0.99
CA LEU D 101 16.22 21.62 -1.82
C LEU D 101 16.55 22.91 -2.52
N TRP D 102 15.54 23.57 -3.11
CA TRP D 102 15.83 24.83 -3.78
C TRP D 102 16.33 25.87 -2.78
N PHE D 103 15.66 25.99 -1.64
CA PHE D 103 16.08 26.97 -0.65
C PHE D 103 17.55 26.78 -0.30
N HIS D 104 17.93 25.55 0.05
CA HIS D 104 19.29 25.36 0.55
C HIS D 104 20.32 25.48 -0.57
N ILE D 105 20.01 24.95 -1.76
CA ILE D 105 20.96 25.06 -2.87
C ILE D 105 21.21 26.53 -3.18
N SER D 106 20.15 27.32 -3.29
CA SER D 106 20.33 28.74 -3.55
C SER D 106 21.13 29.39 -2.44
N CYS D 107 20.85 29.04 -1.18
CA CYS D 107 21.58 29.65 -0.08
C CYS D 107 23.07 29.38 -0.22
N LEU D 108 23.44 28.17 -0.64
CA LEU D 108 24.87 27.80 -0.79
C LEU D 108 25.55 28.63 -1.87
N THR D 109 24.90 28.86 -3.01
CA THR D 109 25.55 29.55 -4.15
C THR D 109 25.64 31.07 -3.93
N PHE D 110 24.66 31.68 -3.27
CA PHE D 110 24.63 33.13 -3.12
C PHE D 110 24.50 33.61 -1.68
N GLY D 111 24.25 32.72 -0.73
CA GLY D 111 24.26 33.10 0.67
C GLY D 111 23.00 33.85 1.09
N ARG D 112 22.85 33.97 2.41
CA ARG D 112 21.65 34.60 2.97
C ARG D 112 21.54 36.07 2.57
N GLU D 113 22.67 36.70 2.25
CA GLU D 113 22.68 38.15 2.05
C GLU D 113 21.61 38.60 1.07
N THR D 114 21.45 37.87 -0.04
CA THR D 114 20.57 38.31 -1.12
C THR D 114 19.29 37.48 -1.25
N VAL D 115 19.28 36.23 -0.80
CA VAL D 115 18.11 35.40 -1.00
C VAL D 115 16.93 35.96 -0.23
N LEU D 116 17.16 36.45 0.99
CA LEU D 116 16.08 37.00 1.79
C LEU D 116 15.47 38.22 1.10
N GLU D 117 16.31 39.10 0.58
CA GLU D 117 15.80 40.27 -0.13
C GLU D 117 15.03 39.85 -1.36
N TYR D 118 15.53 38.85 -2.08
CA TYR D 118 14.80 38.34 -3.23
C TYR D 118 13.43 37.83 -2.82
N LEU D 119 13.36 37.14 -1.69
CA LEU D 119 12.09 36.61 -1.21
C LEU D 119 11.11 37.74 -0.89
N VAL D 120 11.58 38.74 -0.14
CA VAL D 120 10.67 39.86 0.28
C VAL D 120 10.21 40.60 -0.97
N SER D 121 11.11 40.82 -1.94
CA SER D 121 10.72 41.51 -3.16
C SER D 121 9.70 40.71 -3.95
N PHE D 122 9.89 39.39 -4.04
CA PHE D 122 8.94 38.56 -4.77
C PHE D 122 7.57 38.61 -4.10
N GLY D 123 7.56 38.56 -2.76
CA GLY D 123 6.29 38.68 -2.05
C GLY D 123 5.60 40.00 -2.35
N VAL D 124 6.36 41.09 -2.33
CA VAL D 124 5.77 42.39 -2.61
C VAL D 124 5.21 42.42 -4.02
N TRP D 125 5.92 41.82 -4.98
CA TRP D 125 5.44 41.82 -6.36
C TRP D 125 4.15 41.02 -6.49
N ILE D 126 4.10 39.84 -5.88
CA ILE D 126 2.93 38.99 -6.07
C ILE D 126 1.71 39.57 -5.36
N ARG D 127 1.89 40.16 -4.18
CA ARG D 127 0.72 40.54 -3.39
C ARG D 127 -0.24 41.43 -4.18
N THR D 128 0.31 42.36 -4.95
CA THR D 128 -0.53 43.29 -5.69
C THR D 128 -1.29 42.58 -6.80
N PRO D 129 -2.42 43.14 -7.23
CA PRO D 129 -3.23 42.47 -8.26
C PRO D 129 -2.50 42.44 -9.60
N PRO D 130 -2.88 41.53 -10.50
CA PRO D 130 -2.21 41.47 -11.81
C PRO D 130 -2.36 42.75 -12.62
N ALA D 131 -3.44 43.51 -12.41
CA ALA D 131 -3.70 44.65 -13.27
C ALA D 131 -2.58 45.67 -13.20
N TYR D 132 -2.11 45.97 -12.00
CA TYR D 132 -1.03 46.94 -11.80
C TYR D 132 0.32 46.27 -11.54
N ARG D 133 0.41 44.96 -11.76
CA ARG D 133 1.68 44.26 -11.59
C ARG D 133 2.63 44.64 -12.72
N PRO D 134 3.89 44.96 -12.42
CA PRO D 134 4.84 45.26 -13.50
C PRO D 134 4.94 44.10 -14.46
N PRO D 135 5.59 44.29 -15.61
CA PRO D 135 5.55 43.27 -16.66
C PRO D 135 5.94 41.87 -16.22
N ASN D 136 7.12 41.70 -15.62
CA ASN D 136 7.66 40.37 -15.38
C ASN D 136 8.10 40.23 -13.94
N ALA D 137 8.19 38.97 -13.50
CA ALA D 137 8.57 38.68 -12.12
C ALA D 137 10.05 38.99 -11.90
N PRO D 138 10.42 39.55 -10.76
CA PRO D 138 11.85 39.84 -10.52
C PRO D 138 12.68 38.56 -10.55
N ILE D 139 13.88 38.70 -11.09
CA ILE D 139 14.82 37.59 -11.21
C ILE D 139 15.86 37.71 -10.12
N LEU D 140 16.28 36.57 -9.57
CA LEU D 140 17.27 36.60 -8.51
C LEU D 140 18.59 37.20 -9.01
N SER D 141 19.02 36.81 -10.20
CA SER D 141 20.24 37.37 -10.78
C SER D 141 21.44 37.09 -9.90
N THR D 142 22.56 37.76 -10.17
CA THR D 142 23.78 37.54 -9.41
C THR D 142 24.46 38.86 -9.05
#